data_1KIL
#
_entry.id   1KIL
#
_cell.length_a   40.489
_cell.length_b   60.425
_cell.length_c   159.787
_cell.angle_alpha   90.00
_cell.angle_beta   90.00
_cell.angle_gamma   90.00
#
_symmetry.space_group_name_H-M   'P 21 21 21'
#
loop_
_entity.id
_entity.type
_entity.pdbx_description
1 polymer 'Synaptobrevin SNARE motif'
2 polymer 'Syntaxin SNARE motif short'
3 polymer 'SNAP-25 N-terminal SNARE motif'
4 polymer 'SNAP-25 C-terminal SNARE motif'
5 polymer 'Complexin I SNARE-complex binding region'
6 non-polymer 'MAGNESIUM ION'
7 water water
#
loop_
_entity_poly.entity_id
_entity_poly.type
_entity_poly.pdbx_seq_one_letter_code
_entity_poly.pdbx_strand_id
1 'polypeptide(L)' GSNRRLQQTQAQVDEVVDIMRVNVDKVLERDQKLSELDDRADALQAGASQFETSAAKLKRKYWWKN A
2 'polypeptide(L)' GSALSEIETRHSEIIKLENSIRELHDMFMDMAMLVESQGEMIDRIEYNVEHAVDYVERAVSD B
3 'polypeptide(L)' GSLEEMQRRADQLADESLESTRRMLQLVEESKDAGIRTLVMLDEQGEQLDRVEEGMNHINQDMKEAEKNLKDLW C
4 'polypeptide(L)' GSARENEMDENLEQVSGIIGNLRHMALDMGNEIDTQNRQIDRIMEKADSNKTRIDEANQRATKMLW D
5 'polypeptide(L)' GSKDPDAAKKEEERQEALRQAEEERKAKYAKMEAEREVMRQGIRDKYGI E
#
# COMPACT_ATOMS: atom_id res chain seq x y z
N SER A 2 -32.28 -24.33 6.61
CA SER A 2 -33.23 -23.20 6.87
C SER A 2 -32.54 -21.86 6.71
N ASN A 3 -33.29 -20.78 6.95
CA ASN A 3 -32.74 -19.42 6.87
C ASN A 3 -31.98 -19.25 8.17
N ARG A 4 -32.20 -20.22 9.06
CA ARG A 4 -31.57 -20.26 10.37
C ARG A 4 -30.07 -20.25 10.25
N ARG A 5 -29.57 -20.53 9.05
CA ARG A 5 -28.14 -20.54 8.80
C ARG A 5 -27.80 -19.65 7.62
N LEU A 6 -28.73 -19.56 6.66
CA LEU A 6 -28.53 -18.75 5.47
C LEU A 6 -28.48 -17.27 5.80
N GLN A 7 -29.43 -16.81 6.62
CA GLN A 7 -29.47 -15.41 7.00
C GLN A 7 -28.29 -15.08 7.92
N GLN A 8 -27.86 -16.07 8.70
CA GLN A 8 -26.72 -15.88 9.60
C GLN A 8 -25.43 -15.66 8.79
N THR A 9 -25.28 -16.48 7.75
CA THR A 9 -24.14 -16.42 6.87
C THR A 9 -24.14 -15.12 6.08
N GLN A 10 -25.31 -14.72 5.62
CA GLN A 10 -25.44 -13.49 4.84
C GLN A 10 -25.03 -12.31 5.69
N ALA A 11 -25.45 -12.34 6.93
CA ALA A 11 -25.14 -11.28 7.86
C ALA A 11 -23.64 -11.19 8.10
N GLN A 12 -22.98 -12.33 8.28
CA GLN A 12 -21.54 -12.32 8.55
C GLN A 12 -20.69 -11.96 7.31
N VAL A 13 -21.35 -11.86 6.16
CA VAL A 13 -20.71 -11.48 4.89
C VAL A 13 -20.80 -9.97 4.75
N ASP A 14 -21.93 -9.39 5.12
CA ASP A 14 -22.12 -7.95 5.02
C ASP A 14 -21.16 -7.22 5.97
N GLU A 15 -20.82 -7.87 7.08
CA GLU A 15 -19.90 -7.28 8.04
C GLU A 15 -18.49 -7.25 7.46
N VAL A 16 -18.04 -8.41 6.98
CA VAL A 16 -16.70 -8.50 6.41
C VAL A 16 -16.59 -7.59 5.20
N VAL A 17 -17.74 -7.25 4.62
CA VAL A 17 -17.77 -6.35 3.47
C VAL A 17 -17.59 -4.93 3.99
N ASP A 18 -18.25 -4.63 5.10
CA ASP A 18 -18.15 -3.29 5.67
C ASP A 18 -16.72 -3.03 6.14
N ILE A 19 -16.13 -4.02 6.82
CA ILE A 19 -14.76 -3.93 7.31
C ILE A 19 -13.76 -3.74 6.16
N MET A 20 -13.96 -4.49 5.08
CA MET A 20 -13.06 -4.41 3.93
C MET A 20 -13.20 -3.12 3.12
N ARG A 21 -14.39 -2.51 3.11
CA ARG A 21 -14.54 -1.27 2.36
C ARG A 21 -13.76 -0.19 3.07
N VAL A 22 -13.67 -0.30 4.40
CA VAL A 22 -12.92 0.63 5.23
C VAL A 22 -11.42 0.39 4.98
N ASN A 23 -11.04 -0.88 4.93
CA ASN A 23 -9.66 -1.26 4.67
C ASN A 23 -9.27 -0.75 3.31
N VAL A 24 -10.14 -0.89 2.34
CA VAL A 24 -9.81 -0.39 1.01
C VAL A 24 -9.59 1.14 1.06
N ASP A 25 -10.34 1.82 1.93
CA ASP A 25 -10.19 3.27 2.07
C ASP A 25 -8.86 3.61 2.71
N LYS A 26 -8.41 2.75 3.63
CA LYS A 26 -7.15 2.95 4.29
C LYS A 26 -5.97 2.70 3.36
N VAL A 27 -6.05 1.68 2.51
CA VAL A 27 -4.93 1.41 1.62
C VAL A 27 -4.86 2.45 0.52
N LEU A 28 -5.93 3.22 0.33
CA LEU A 28 -5.87 4.26 -0.67
C LEU A 28 -5.14 5.45 -0.03
N GLU A 29 -5.19 5.54 1.30
CA GLU A 29 -4.47 6.60 1.99
C GLU A 29 -2.99 6.19 1.96
N ARG A 30 -2.74 4.90 2.21
CA ARG A 30 -1.41 4.36 2.19
C ARG A 30 -0.81 4.67 0.81
N ASP A 31 -1.62 4.51 -0.22
CA ASP A 31 -1.22 4.74 -1.60
C ASP A 31 -0.74 6.17 -1.84
N GLN A 32 -1.48 7.13 -1.30
CA GLN A 32 -1.12 8.53 -1.50
C GLN A 32 0.10 8.90 -0.68
N LYS A 33 0.18 8.38 0.54
CA LYS A 33 1.32 8.67 1.38
C LYS A 33 2.58 8.09 0.74
N LEU A 34 2.52 6.85 0.27
CA LEU A 34 3.68 6.23 -0.34
C LEU A 34 4.09 6.98 -1.60
N SER A 35 3.10 7.48 -2.31
CA SER A 35 3.37 8.22 -3.53
C SER A 35 4.13 9.49 -3.20
N GLU A 36 3.81 10.06 -2.06
CA GLU A 36 4.48 11.28 -1.66
C GLU A 36 5.91 11.01 -1.16
N LEU A 37 6.08 9.87 -0.49
CA LEU A 37 7.35 9.47 0.07
C LEU A 37 8.29 9.04 -1.03
N ASP A 38 7.74 8.46 -2.08
CA ASP A 38 8.53 8.01 -3.21
C ASP A 38 9.14 9.27 -3.88
N ASP A 39 8.41 10.37 -3.86
CA ASP A 39 8.86 11.64 -4.44
C ASP A 39 9.94 12.19 -3.50
N ARG A 40 9.60 12.31 -2.22
CA ARG A 40 10.56 12.78 -1.22
C ARG A 40 11.87 11.96 -1.17
N ALA A 41 11.80 10.64 -1.21
CA ALA A 41 13.04 9.88 -1.12
C ALA A 41 13.89 10.03 -2.35
N ASP A 42 13.25 10.34 -3.48
CA ASP A 42 13.99 10.51 -4.72
C ASP A 42 14.68 11.88 -4.74
N ALA A 43 14.04 12.90 -4.15
CA ALA A 43 14.63 14.22 -4.10
C ALA A 43 15.83 14.15 -3.16
N LEU A 44 15.61 13.44 -2.05
CA LEU A 44 16.60 13.21 -0.99
C LEU A 44 17.88 12.55 -1.55
N GLN A 45 17.71 11.55 -2.37
CA GLN A 45 18.83 10.86 -2.97
C GLN A 45 19.54 11.84 -3.88
N ALA A 46 18.77 12.67 -4.57
CA ALA A 46 19.35 13.64 -5.49
C ALA A 46 20.10 14.70 -4.70
N GLY A 47 19.48 15.19 -3.61
CA GLY A 47 20.15 16.19 -2.79
C GLY A 47 21.38 15.72 -2.02
N ALA A 48 21.38 14.45 -1.60
CA ALA A 48 22.49 13.87 -0.85
C ALA A 48 23.66 13.68 -1.79
N SER A 49 23.34 13.32 -3.03
CA SER A 49 24.33 13.09 -4.06
C SER A 49 25.12 14.38 -4.29
N GLN A 50 24.40 15.47 -4.41
CA GLN A 50 25.03 16.76 -4.63
C GLN A 50 25.85 17.21 -3.41
N PHE A 51 25.34 16.94 -2.20
CA PHE A 51 26.08 17.31 -0.99
C PHE A 51 27.42 16.55 -0.94
N GLU A 52 27.39 15.29 -1.36
CA GLU A 52 28.59 14.46 -1.36
C GLU A 52 29.63 15.02 -2.34
N THR A 53 29.17 15.66 -3.42
CA THR A 53 30.11 16.23 -4.37
C THR A 53 30.70 17.52 -3.79
N SER A 54 29.89 18.28 -3.05
CA SER A 54 30.34 19.53 -2.45
C SER A 54 31.37 19.24 -1.37
N ALA A 55 31.09 18.24 -0.55
CA ALA A 55 31.99 17.82 0.53
C ALA A 55 33.31 17.38 -0.10
N ALA A 56 33.27 16.57 -1.14
CA ALA A 56 34.48 16.12 -1.77
C ALA A 56 35.35 17.32 -2.20
N LYS A 57 34.72 18.37 -2.70
CA LYS A 57 35.41 19.57 -3.17
C LYS A 57 35.97 20.34 -1.99
N LEU A 58 35.14 20.44 -0.97
CA LEU A 58 35.51 21.14 0.22
C LEU A 58 36.73 20.46 0.87
N LYS A 59 36.77 19.13 0.88
CA LYS A 59 37.89 18.43 1.49
C LYS A 59 39.15 18.66 0.70
N ARG A 60 39.05 18.77 -0.61
CA ARG A 60 40.23 19.06 -1.41
C ARG A 60 40.66 20.51 -1.13
N LYS A 61 39.70 21.42 -1.01
CA LYS A 61 40.08 22.79 -0.74
C LYS A 61 40.80 22.97 0.60
N TYR A 62 40.24 22.40 1.66
CA TYR A 62 40.85 22.49 3.00
C TYR A 62 41.49 21.13 3.28
N TRP A 63 42.47 20.77 2.46
CA TRP A 63 43.15 19.48 2.54
C TRP A 63 43.97 19.23 3.80
N TRP A 64 44.12 20.24 4.64
CA TRP A 64 44.89 20.10 5.86
C TRP A 64 44.00 19.89 7.07
N LYS A 65 42.69 19.86 6.82
CA LYS A 65 41.70 19.63 7.86
C LYS A 65 41.30 18.16 7.80
N ASN A 66 41.26 17.53 8.97
CA ASN A 66 40.86 16.13 9.06
C ASN A 66 39.34 16.11 9.08
N LEU B 4 -42.83 -24.67 -3.68
CA LEU B 4 -42.28 -23.86 -4.79
C LEU B 4 -42.05 -22.42 -4.35
N SER B 5 -42.84 -21.97 -3.38
CA SER B 5 -42.70 -20.62 -2.84
C SER B 5 -41.45 -20.60 -2.00
N GLU B 6 -41.37 -21.53 -1.04
CA GLU B 6 -40.20 -21.65 -0.17
C GLU B 6 -38.98 -21.81 -1.08
N ILE B 7 -39.17 -22.54 -2.16
CA ILE B 7 -38.09 -22.77 -3.10
C ILE B 7 -37.84 -21.52 -3.94
N GLU B 8 -38.89 -20.82 -4.28
CA GLU B 8 -38.76 -19.62 -5.09
C GLU B 8 -37.94 -18.55 -4.35
N THR B 9 -38.31 -18.29 -3.11
CA THR B 9 -37.65 -17.28 -2.28
C THR B 9 -36.26 -17.72 -1.82
N ARG B 10 -36.20 -18.91 -1.24
CA ARG B 10 -34.95 -19.42 -0.74
C ARG B 10 -33.88 -19.28 -1.81
N HIS B 11 -34.26 -19.49 -3.07
CA HIS B 11 -33.31 -19.40 -4.18
C HIS B 11 -32.78 -17.98 -4.34
N SER B 12 -33.67 -17.00 -4.17
CA SER B 12 -33.28 -15.60 -4.27
C SER B 12 -32.31 -15.31 -3.15
N GLU B 13 -32.64 -15.77 -1.96
CA GLU B 13 -31.78 -15.57 -0.81
C GLU B 13 -30.37 -16.05 -1.19
N ILE B 14 -30.30 -17.30 -1.63
CA ILE B 14 -29.06 -17.94 -2.04
C ILE B 14 -28.22 -17.11 -2.98
N ILE B 15 -28.85 -16.54 -4.01
CA ILE B 15 -28.17 -15.72 -5.01
C ILE B 15 -27.78 -14.38 -4.40
N LYS B 16 -28.67 -13.86 -3.55
CA LYS B 16 -28.43 -12.61 -2.87
C LYS B 16 -27.09 -12.77 -2.15
N LEU B 17 -26.94 -13.91 -1.47
CA LEU B 17 -25.73 -14.22 -0.72
C LEU B 17 -24.52 -14.35 -1.62
N GLU B 18 -24.67 -15.04 -2.73
CA GLU B 18 -23.57 -15.22 -3.64
C GLU B 18 -23.09 -13.85 -4.10
N ASN B 19 -24.02 -13.01 -4.55
CA ASN B 19 -23.70 -11.65 -5.02
C ASN B 19 -22.94 -10.85 -3.98
N SER B 20 -23.32 -11.04 -2.72
CA SER B 20 -22.65 -10.37 -1.62
C SER B 20 -21.26 -10.93 -1.53
N ILE B 21 -21.13 -12.21 -1.88
CA ILE B 21 -19.84 -12.83 -1.80
C ILE B 21 -18.97 -12.42 -2.97
N ARG B 22 -19.59 -12.15 -4.11
CA ARG B 22 -18.83 -11.69 -5.27
C ARG B 22 -18.18 -10.37 -4.91
N GLU B 23 -18.92 -9.53 -4.22
CA GLU B 23 -18.40 -8.24 -3.82
C GLU B 23 -17.20 -8.41 -2.88
N LEU B 24 -17.39 -9.11 -1.76
CA LEU B 24 -16.28 -9.34 -0.84
C LEU B 24 -15.06 -9.91 -1.60
N HIS B 25 -15.28 -10.82 -2.56
CA HIS B 25 -14.17 -11.41 -3.30
C HIS B 25 -13.44 -10.29 -4.02
N ASP B 26 -14.22 -9.42 -4.66
CA ASP B 26 -13.71 -8.28 -5.38
C ASP B 26 -12.72 -7.45 -4.54
N MET B 27 -13.16 -7.06 -3.35
CA MET B 27 -12.36 -6.26 -2.44
C MET B 27 -11.09 -6.96 -2.01
N PHE B 28 -11.18 -8.25 -1.73
CA PHE B 28 -9.98 -8.98 -1.37
C PHE B 28 -9.00 -8.97 -2.55
N MET B 29 -9.50 -9.17 -3.76
CA MET B 29 -8.62 -9.17 -4.95
C MET B 29 -8.00 -7.78 -5.19
N ASP B 30 -8.83 -6.73 -5.15
CA ASP B 30 -8.34 -5.35 -5.33
C ASP B 30 -7.37 -4.94 -4.22
N MET B 31 -7.66 -5.34 -2.98
CA MET B 31 -6.76 -5.01 -1.88
C MET B 31 -5.38 -5.59 -2.15
N ALA B 32 -5.33 -6.85 -2.60
CA ALA B 32 -4.07 -7.52 -2.88
C ALA B 32 -3.35 -6.87 -4.06
N MET B 33 -4.10 -6.48 -5.09
CA MET B 33 -3.50 -5.80 -6.24
C MET B 33 -2.91 -4.48 -5.84
N LEU B 34 -3.61 -3.77 -4.96
CA LEU B 34 -3.16 -2.48 -4.47
C LEU B 34 -1.86 -2.53 -3.66
N VAL B 35 -1.76 -3.49 -2.73
CA VAL B 35 -0.56 -3.66 -1.90
C VAL B 35 0.61 -4.19 -2.75
N GLU B 36 0.34 -4.96 -3.79
CA GLU B 36 1.45 -5.40 -4.63
C GLU B 36 1.92 -4.16 -5.38
N SER B 37 0.99 -3.39 -5.93
CA SER B 37 1.30 -2.17 -6.64
C SER B 37 2.07 -1.22 -5.73
N GLN B 38 1.56 -0.99 -4.53
CA GLN B 38 2.24 -0.07 -3.64
C GLN B 38 3.66 -0.52 -3.31
N GLY B 39 3.89 -1.83 -3.42
CA GLY B 39 5.21 -2.40 -3.14
C GLY B 39 6.25 -1.95 -4.16
N GLU B 40 5.81 -1.51 -5.34
CA GLU B 40 6.71 -1.02 -6.40
C GLU B 40 7.35 0.26 -5.96
N MET B 41 6.56 1.10 -5.31
CA MET B 41 7.01 2.40 -4.82
C MET B 41 7.93 2.22 -3.60
N ILE B 42 7.54 1.31 -2.73
CA ILE B 42 8.31 1.05 -1.54
C ILE B 42 9.71 0.59 -1.89
N ASP B 43 9.92 -0.26 -2.89
CA ASP B 43 11.33 -0.58 -3.06
C ASP B 43 12.11 0.44 -3.86
N ARG B 44 11.41 1.41 -4.44
CA ARG B 44 12.07 2.52 -5.14
C ARG B 44 12.46 3.46 -3.99
N ILE B 45 11.58 3.60 -3.00
CA ILE B 45 11.87 4.44 -1.84
C ILE B 45 13.07 3.89 -1.04
N GLU B 46 13.05 2.58 -0.80
CA GLU B 46 14.13 1.92 -0.05
C GLU B 46 15.43 2.06 -0.84
N TYR B 47 15.35 1.92 -2.15
CA TYR B 47 16.53 2.06 -3.00
C TYR B 47 17.11 3.48 -2.90
N ASN B 48 16.25 4.50 -3.06
CA ASN B 48 16.72 5.90 -2.96
C ASN B 48 17.26 6.27 -1.58
N VAL B 49 16.66 5.75 -0.50
CA VAL B 49 17.15 6.07 0.83
C VAL B 49 18.49 5.38 1.10
N GLU B 50 18.65 4.20 0.57
CA GLU B 50 19.89 3.47 0.73
C GLU B 50 21.03 4.26 0.10
N HIS B 51 20.79 4.83 -1.08
CA HIS B 51 21.83 5.63 -1.70
C HIS B 51 22.01 6.97 -1.01
N ALA B 52 20.90 7.53 -0.53
CA ALA B 52 20.98 8.79 0.20
C ALA B 52 21.84 8.57 1.44
N VAL B 53 21.61 7.45 2.13
CA VAL B 53 22.40 7.14 3.33
C VAL B 53 23.87 7.04 3.01
N ASP B 54 24.21 6.33 1.94
CA ASP B 54 25.60 6.16 1.56
C ASP B 54 26.26 7.47 1.08
N TYR B 55 25.53 8.33 0.35
CA TYR B 55 26.09 9.62 -0.10
C TYR B 55 26.44 10.51 1.09
N VAL B 56 25.58 10.51 2.09
CA VAL B 56 25.80 11.32 3.28
C VAL B 56 26.93 10.76 4.13
N GLU B 57 27.03 9.43 4.26
CA GLU B 57 28.11 8.85 5.05
C GLU B 57 29.43 9.28 4.46
N ARG B 58 29.50 9.27 3.13
CA ARG B 58 30.71 9.66 2.44
C ARG B 58 30.97 11.13 2.63
N ALA B 59 29.91 11.94 2.59
CA ALA B 59 30.11 13.38 2.76
C ALA B 59 30.80 13.78 4.09
N VAL B 60 30.48 13.10 5.18
CA VAL B 60 31.07 13.46 6.47
C VAL B 60 32.07 12.48 7.01
N SER B 61 32.55 11.56 6.18
CA SER B 61 33.52 10.59 6.63
C SER B 61 34.79 10.69 5.82
N ASP B 62 35.58 11.72 6.11
CA ASP B 62 36.84 11.95 5.42
C ASP B 62 38.00 11.55 6.34
N SER C 2 -50.47 -29.69 -14.08
CA SER C 2 -49.27 -28.80 -14.19
C SER C 2 -48.29 -29.05 -13.04
N LEU C 3 -48.59 -30.07 -12.22
CA LEU C 3 -47.72 -30.43 -11.11
C LEU C 3 -46.39 -30.81 -11.75
N GLU C 4 -46.47 -31.32 -12.97
CA GLU C 4 -45.28 -31.69 -13.73
C GLU C 4 -44.47 -30.42 -13.89
N GLU C 5 -45.13 -29.37 -14.37
CA GLU C 5 -44.50 -28.08 -14.61
C GLU C 5 -43.85 -27.50 -13.36
N MET C 6 -44.59 -27.40 -12.28
CA MET C 6 -44.04 -26.85 -11.05
C MET C 6 -42.84 -27.63 -10.53
N GLN C 7 -42.91 -28.96 -10.64
CA GLN C 7 -41.85 -29.83 -10.17
C GLN C 7 -40.58 -29.64 -10.97
N ARG C 8 -40.71 -29.54 -12.28
CA ARG C 8 -39.55 -29.37 -13.14
C ARG C 8 -38.94 -28.01 -12.83
N ARG C 9 -39.76 -27.13 -12.27
CA ARG C 9 -39.35 -25.78 -11.91
C ARG C 9 -38.57 -25.74 -10.61
N ALA C 10 -39.06 -26.46 -9.61
CA ALA C 10 -38.42 -26.51 -8.31
C ALA C 10 -37.09 -27.27 -8.42
N ASP C 11 -37.02 -28.20 -9.37
CA ASP C 11 -35.79 -28.95 -9.56
C ASP C 11 -34.70 -28.03 -10.13
N GLN C 12 -35.09 -27.26 -11.13
CA GLN C 12 -34.20 -26.32 -11.79
C GLN C 12 -33.65 -25.31 -10.77
N LEU C 13 -34.53 -24.76 -9.95
CA LEU C 13 -34.10 -23.81 -8.95
C LEU C 13 -33.25 -24.47 -7.84
N ALA C 14 -33.45 -25.76 -7.58
CA ALA C 14 -32.66 -26.44 -6.55
C ALA C 14 -31.29 -26.74 -7.12
N ASP C 15 -31.25 -27.08 -8.40
CA ASP C 15 -29.99 -27.38 -9.05
C ASP C 15 -29.13 -26.12 -9.09
N GLU C 16 -29.77 -24.99 -9.35
CA GLU C 16 -29.08 -23.71 -9.45
C GLU C 16 -28.64 -23.18 -8.09
N SER C 17 -29.35 -23.54 -7.04
CA SER C 17 -28.97 -23.10 -5.70
C SER C 17 -27.72 -23.85 -5.27
N LEU C 18 -27.62 -25.10 -5.70
CA LEU C 18 -26.46 -25.91 -5.38
C LEU C 18 -25.28 -25.36 -6.18
N GLU C 19 -25.53 -25.02 -7.44
CA GLU C 19 -24.51 -24.47 -8.32
C GLU C 19 -23.95 -23.18 -7.71
N SER C 20 -24.87 -22.38 -7.17
CA SER C 20 -24.51 -21.14 -6.55
C SER C 20 -23.59 -21.39 -5.36
N THR C 21 -23.91 -22.36 -4.50
CA THR C 21 -23.04 -22.60 -3.34
C THR C 21 -21.70 -23.11 -3.75
N ARG C 22 -21.61 -23.75 -4.90
CA ARG C 22 -20.32 -24.26 -5.34
C ARG C 22 -19.46 -23.08 -5.73
N ARG C 23 -20.08 -22.07 -6.36
CA ARG C 23 -19.33 -20.89 -6.75
C ARG C 23 -18.93 -20.09 -5.51
N MET C 24 -19.85 -19.97 -4.55
CA MET C 24 -19.57 -19.24 -3.31
C MET C 24 -18.29 -19.76 -2.64
N LEU C 25 -18.14 -21.09 -2.67
CA LEU C 25 -17.00 -21.78 -2.09
C LEU C 25 -15.74 -21.40 -2.83
N GLN C 26 -15.77 -21.51 -4.15
CA GLN C 26 -14.63 -21.13 -4.96
C GLN C 26 -14.28 -19.65 -4.69
N LEU C 27 -15.27 -18.76 -4.73
CA LEU C 27 -15.02 -17.33 -4.52
C LEU C 27 -14.39 -17.05 -3.15
N VAL C 28 -14.92 -17.69 -2.13
CA VAL C 28 -14.41 -17.48 -0.79
C VAL C 28 -13.02 -18.07 -0.65
N GLU C 29 -12.68 -19.04 -1.49
CA GLU C 29 -11.35 -19.63 -1.44
C GLU C 29 -10.28 -18.70 -2.02
N GLU C 30 -10.57 -18.06 -3.15
CA GLU C 30 -9.61 -17.14 -3.73
C GLU C 30 -9.38 -15.96 -2.77
N SER C 31 -10.49 -15.46 -2.21
CA SER C 31 -10.49 -14.35 -1.25
C SER C 31 -9.52 -14.69 -0.12
N LYS C 32 -9.66 -15.89 0.45
CA LYS C 32 -8.79 -16.28 1.53
C LYS C 32 -7.37 -16.24 0.99
N ASP C 33 -7.16 -16.86 -0.16
CA ASP C 33 -5.85 -16.87 -0.80
C ASP C 33 -5.33 -15.43 -0.97
N ALA C 34 -6.18 -14.53 -1.48
CA ALA C 34 -5.76 -13.16 -1.70
C ALA C 34 -5.45 -12.47 -0.38
N GLY C 35 -6.25 -12.79 0.64
CA GLY C 35 -6.05 -12.21 1.94
C GLY C 35 -4.70 -12.61 2.52
N ILE C 36 -4.38 -13.91 2.51
CA ILE C 36 -3.10 -14.34 3.05
C ILE C 36 -1.97 -13.65 2.29
N ARG C 37 -2.08 -13.61 0.97
CA ARG C 37 -1.05 -12.97 0.14
C ARG C 37 -0.85 -11.49 0.55
N THR C 38 -1.95 -10.81 0.88
CA THR C 38 -1.91 -9.42 1.30
C THR C 38 -1.18 -9.27 2.66
N LEU C 39 -1.54 -10.10 3.63
CA LEU C 39 -0.90 -10.00 4.94
C LEU C 39 0.61 -10.27 4.81
N VAL C 40 0.98 -11.15 3.90
CA VAL C 40 2.39 -11.44 3.71
C VAL C 40 3.14 -10.23 3.11
N MET C 41 2.58 -9.61 2.07
CA MET C 41 3.22 -8.44 1.48
C MET C 41 3.29 -7.26 2.49
N LEU C 42 2.24 -7.07 3.30
CA LEU C 42 2.26 -6.01 4.30
C LEU C 42 3.42 -6.26 5.26
N ASP C 43 3.67 -7.52 5.58
CA ASP C 43 4.79 -7.87 6.46
C ASP C 43 6.14 -7.57 5.79
N GLU C 44 6.30 -8.06 4.58
CA GLU C 44 7.53 -7.83 3.83
C GLU C 44 7.81 -6.34 3.67
N GLN C 45 6.77 -5.57 3.32
CA GLN C 45 6.85 -4.12 3.11
C GLN C 45 7.08 -3.37 4.42
N GLY C 46 6.49 -3.89 5.49
CA GLY C 46 6.69 -3.29 6.79
C GLY C 46 8.17 -3.35 7.15
N GLU C 47 8.85 -4.44 6.79
CA GLU C 47 10.27 -4.57 7.11
C GLU C 47 11.04 -3.57 6.27
N GLN C 48 10.61 -3.39 5.02
CA GLN C 48 11.24 -2.41 4.13
C GLN C 48 11.10 -1.02 4.76
N LEU C 49 9.92 -0.72 5.30
CA LEU C 49 9.69 0.56 5.92
C LEU C 49 10.61 0.81 7.12
N ASP C 50 10.86 -0.21 7.93
CA ASP C 50 11.74 -0.05 9.08
C ASP C 50 13.14 0.25 8.59
N ARG C 51 13.56 -0.43 7.54
CA ARG C 51 14.90 -0.18 7.03
C ARG C 51 14.96 1.25 6.52
N VAL C 52 13.86 1.72 5.92
CA VAL C 52 13.84 3.08 5.42
C VAL C 52 13.92 3.99 6.63
N GLU C 53 13.07 3.78 7.62
CA GLU C 53 13.14 4.62 8.80
C GLU C 53 14.53 4.57 9.42
N GLU C 54 15.11 3.37 9.55
CA GLU C 54 16.45 3.31 10.13
C GLU C 54 17.41 4.21 9.34
N GLY C 55 17.27 4.25 8.02
CA GLY C 55 18.11 5.09 7.19
C GLY C 55 17.90 6.58 7.45
N MET C 56 16.67 7.00 7.73
CA MET C 56 16.41 8.41 8.04
C MET C 56 17.16 8.78 9.34
N ASN C 57 17.14 7.88 10.32
CA ASN C 57 17.82 8.08 11.60
C ASN C 57 19.33 8.24 11.36
N HIS C 58 19.92 7.39 10.54
N HIS C 58 19.88 7.39 10.52
CA HIS C 58 21.35 7.50 10.29
CA HIS C 58 21.33 7.40 10.19
C HIS C 58 21.66 8.83 9.62
C HIS C 58 21.76 8.67 9.46
N ILE C 59 20.90 9.19 8.59
CA ILE C 59 21.14 10.43 7.88
C ILE C 59 21.10 11.55 8.91
N ASN C 60 20.12 11.53 9.79
CA ASN C 60 20.01 12.54 10.82
C ASN C 60 21.31 12.65 11.64
N GLN C 61 21.82 11.53 12.11
CA GLN C 61 23.05 11.51 12.91
C GLN C 61 24.25 12.02 12.15
N ASP C 62 24.38 11.62 10.90
CA ASP C 62 25.50 12.08 10.08
C ASP C 62 25.44 13.57 9.80
N MET C 63 24.24 14.10 9.53
CA MET C 63 24.09 15.53 9.26
C MET C 63 24.49 16.38 10.45
N LYS C 64 24.36 15.83 11.65
CA LYS C 64 24.80 16.59 12.81
C LYS C 64 26.32 16.77 12.74
N GLU C 65 27.01 15.75 12.23
CA GLU C 65 28.46 15.79 12.12
C GLU C 65 28.86 16.78 11.05
N ALA C 66 28.12 16.79 9.94
CA ALA C 66 28.42 17.72 8.87
C ALA C 66 28.23 19.11 9.44
N GLU C 67 27.14 19.31 10.18
CA GLU C 67 26.85 20.59 10.79
C GLU C 67 27.97 20.99 11.78
N LYS C 68 28.41 20.04 12.59
CA LYS C 68 29.48 20.29 13.54
C LYS C 68 30.75 20.66 12.74
N ASN C 69 31.12 19.83 11.78
CA ASN C 69 32.28 20.13 10.96
C ASN C 69 32.11 21.50 10.31
N LEU C 70 31.08 21.61 9.47
CA LEU C 70 30.79 22.86 8.75
C LEU C 70 30.97 24.11 9.63
N LYS C 71 30.41 24.10 10.83
CA LYS C 71 30.56 25.22 11.74
C LYS C 71 32.03 25.45 12.10
N ASP C 72 32.72 24.38 12.43
CA ASP C 72 34.13 24.47 12.82
C ASP C 72 35.04 24.96 11.71
N LEU C 73 34.50 25.81 10.84
CA LEU C 73 35.25 26.40 9.75
C LEU C 73 34.91 27.89 9.64
N GLY D 1 -31.65 -34.87 2.61
CA GLY D 1 -30.54 -35.75 3.06
C GLY D 1 -29.92 -36.48 1.88
N SER D 2 -30.21 -35.99 0.68
CA SER D 2 -29.69 -36.59 -0.54
C SER D 2 -28.20 -36.35 -0.67
N ALA D 3 -27.58 -36.96 -1.69
CA ALA D 3 -26.15 -36.78 -1.92
C ALA D 3 -25.92 -35.31 -2.20
N ARG D 4 -26.80 -34.71 -3.02
CA ARG D 4 -26.64 -33.30 -3.32
C ARG D 4 -27.37 -32.38 -2.35
N GLU D 5 -28.35 -32.88 -1.62
CA GLU D 5 -29.02 -32.05 -0.63
C GLU D 5 -28.01 -31.83 0.50
N ASN D 6 -27.10 -32.78 0.69
CA ASN D 6 -26.08 -32.62 1.73
C ASN D 6 -24.96 -31.70 1.25
N GLU D 7 -24.67 -31.73 -0.04
CA GLU D 7 -23.63 -30.88 -0.59
C GLU D 7 -24.07 -29.45 -0.32
N MET D 8 -25.34 -29.16 -0.54
CA MET D 8 -25.88 -27.82 -0.32
C MET D 8 -25.59 -27.38 1.13
N ASP D 9 -25.86 -28.26 2.09
CA ASP D 9 -25.63 -27.89 3.48
C ASP D 9 -24.16 -27.71 3.83
N GLU D 10 -23.34 -28.71 3.50
CA GLU D 10 -21.91 -28.65 3.81
C GLU D 10 -21.19 -27.50 3.12
N ASN D 11 -21.59 -27.17 1.89
CA ASN D 11 -21.00 -26.07 1.15
C ASN D 11 -21.17 -24.80 1.97
N LEU D 12 -22.42 -24.54 2.36
CA LEU D 12 -22.74 -23.37 3.15
C LEU D 12 -22.03 -23.39 4.49
N GLU D 13 -22.04 -24.52 5.16
CA GLU D 13 -21.36 -24.59 6.45
C GLU D 13 -19.88 -24.24 6.26
N GLN D 14 -19.26 -24.70 5.19
CA GLN D 14 -17.86 -24.39 4.96
C GLN D 14 -17.68 -22.92 4.56
N VAL D 15 -18.58 -22.40 3.74
CA VAL D 15 -18.51 -21.00 3.34
C VAL D 15 -18.56 -20.13 4.62
N SER D 16 -19.56 -20.34 5.46
CA SER D 16 -19.65 -19.57 6.70
C SER D 16 -18.35 -19.70 7.53
N GLY D 17 -17.72 -20.88 7.50
CA GLY D 17 -16.50 -21.07 8.25
C GLY D 17 -15.37 -20.23 7.68
N ILE D 18 -15.22 -20.26 6.37
CA ILE D 18 -14.19 -19.49 5.72
C ILE D 18 -14.43 -18.00 5.91
N ILE D 19 -15.69 -17.57 5.85
CA ILE D 19 -15.99 -16.15 6.06
C ILE D 19 -15.47 -15.70 7.43
N GLY D 20 -15.39 -16.63 8.38
CA GLY D 20 -14.89 -16.29 9.70
C GLY D 20 -13.40 -15.99 9.62
N ASN D 21 -12.69 -16.73 8.78
CA ASN D 21 -11.28 -16.52 8.61
C ASN D 21 -11.09 -15.18 7.92
N LEU D 22 -11.83 -14.95 6.83
CA LEU D 22 -11.74 -13.68 6.12
C LEU D 22 -11.94 -12.48 7.05
N ARG D 23 -12.89 -12.56 7.97
CA ARG D 23 -13.17 -11.47 8.91
C ARG D 23 -11.92 -11.18 9.74
N HIS D 24 -11.32 -12.25 10.23
CA HIS D 24 -10.11 -12.17 11.02
C HIS D 24 -8.94 -11.53 10.23
N MET D 25 -8.87 -11.79 8.92
CA MET D 25 -7.81 -11.22 8.10
C MET D 25 -8.11 -9.76 7.78
N ALA D 26 -9.40 -9.43 7.65
CA ALA D 26 -9.81 -8.06 7.37
C ALA D 26 -9.44 -7.18 8.58
N LEU D 27 -9.51 -7.77 9.78
CA LEU D 27 -9.17 -7.02 10.98
C LEU D 27 -7.67 -6.87 11.12
N ASP D 28 -6.89 -7.90 10.76
CA ASP D 28 -5.43 -7.76 10.84
C ASP D 28 -5.00 -6.72 9.83
N MET D 29 -5.51 -6.88 8.61
CA MET D 29 -5.21 -5.99 7.52
C MET D 29 -5.27 -4.52 7.90
N GLY D 30 -6.45 -4.10 8.31
CA GLY D 30 -6.68 -2.72 8.72
C GLY D 30 -5.79 -2.28 9.87
N ASN D 31 -5.56 -3.14 10.86
CA ASN D 31 -4.72 -2.72 11.97
C ASN D 31 -3.30 -2.52 11.47
N GLU D 32 -2.90 -3.35 10.50
CA GLU D 32 -1.56 -3.26 9.96
C GLU D 32 -1.48 -2.03 9.08
N ILE D 33 -2.51 -1.80 8.27
CA ILE D 33 -2.50 -0.62 7.43
C ILE D 33 -2.37 0.63 8.29
N ASP D 34 -3.14 0.72 9.38
CA ASP D 34 -3.10 1.88 10.28
C ASP D 34 -1.71 2.08 10.90
N THR D 35 -1.16 1.03 11.51
CA THR D 35 0.16 1.19 12.09
C THR D 35 1.11 1.76 11.03
N GLN D 36 1.17 1.10 9.88
CA GLN D 36 2.05 1.54 8.81
C GLN D 36 1.76 2.96 8.33
N ASN D 37 0.49 3.34 8.24
CA ASN D 37 0.18 4.70 7.82
C ASN D 37 0.82 5.73 8.76
N ARG D 38 0.87 5.42 10.05
CA ARG D 38 1.47 6.34 11.00
C ARG D 38 2.99 6.33 10.81
N GLN D 39 3.54 5.15 10.59
CA GLN D 39 4.97 5.06 10.37
C GLN D 39 5.38 5.81 9.10
N ILE D 40 4.55 5.74 8.06
CA ILE D 40 4.89 6.44 6.82
C ILE D 40 4.83 7.92 7.07
N ASP D 41 3.93 8.36 7.95
CA ASP D 41 3.87 9.78 8.26
C ASP D 41 5.12 10.21 9.03
N ARG D 42 5.48 9.43 10.03
CA ARG D 42 6.67 9.76 10.81
C ARG D 42 7.87 9.79 9.85
N ILE D 43 7.96 8.79 8.95
CA ILE D 43 9.09 8.73 8.02
C ILE D 43 9.14 9.97 7.08
N MET D 44 8.01 10.57 6.73
CA MET D 44 8.07 11.74 5.87
C MET D 44 8.50 13.00 6.59
N GLU D 45 8.14 13.10 7.85
CA GLU D 45 8.54 14.24 8.63
C GLU D 45 10.06 14.12 8.82
N LYS D 46 10.56 12.90 8.99
CA LYS D 46 11.99 12.67 9.14
C LYS D 46 12.71 13.02 7.85
N ALA D 47 12.17 12.59 6.74
CA ALA D 47 12.78 12.85 5.44
C ALA D 47 12.74 14.34 5.18
N ASP D 48 11.71 14.99 5.67
CA ASP D 48 11.57 16.42 5.49
C ASP D 48 12.65 17.14 6.30
N SER D 49 12.92 16.64 7.49
CA SER D 49 13.93 17.26 8.33
C SER D 49 15.32 17.06 7.68
N ASN D 50 15.58 15.84 7.19
CA ASN D 50 16.85 15.53 6.55
C ASN D 50 17.06 16.33 5.27
N LYS D 51 16.01 16.42 4.46
CA LYS D 51 16.08 17.17 3.22
C LYS D 51 16.56 18.60 3.50
N THR D 52 15.97 19.23 4.50
CA THR D 52 16.32 20.58 4.92
C THR D 52 17.79 20.75 5.32
N ARG D 53 18.24 19.87 6.22
CA ARG D 53 19.61 19.93 6.67
C ARG D 53 20.54 19.72 5.49
N ILE D 54 20.16 18.86 4.57
CA ILE D 54 21.00 18.60 3.39
C ILE D 54 20.98 19.80 2.44
N ASP D 55 19.81 20.38 2.21
CA ASP D 55 19.75 21.55 1.33
C ASP D 55 20.56 22.68 1.97
N GLU D 56 20.57 22.73 3.28
CA GLU D 56 21.31 23.76 3.95
C GLU D 56 22.80 23.48 4.07
N ALA D 57 23.19 22.27 4.46
CA ALA D 57 24.62 22.00 4.57
C ALA D 57 25.25 22.21 3.20
N ASN D 58 24.46 22.01 2.15
CA ASN D 58 24.97 22.19 0.81
C ASN D 58 25.25 23.65 0.46
N GLN D 59 24.38 24.55 0.92
CA GLN D 59 24.60 25.97 0.67
C GLN D 59 25.91 26.36 1.32
N ARG D 60 25.96 26.25 2.65
CA ARG D 60 27.18 26.58 3.39
C ARG D 60 28.39 25.98 2.70
N ALA D 61 28.28 24.69 2.39
CA ALA D 61 29.36 23.98 1.72
C ALA D 61 29.81 24.73 0.47
N THR D 62 28.85 25.04 -0.38
CA THR D 62 29.12 25.73 -1.63
C THR D 62 29.66 27.16 -1.47
N LYS D 63 29.20 27.86 -0.44
CA LYS D 63 29.68 29.22 -0.23
C LYS D 63 31.17 29.23 0.09
N MET D 64 31.63 28.19 0.78
CA MET D 64 33.04 28.09 1.16
C MET D 64 33.93 27.66 0.01
N LEU D 65 33.35 27.27 -1.12
CA LEU D 65 34.15 26.86 -2.25
C LEU D 65 34.46 28.06 -3.14
N TRP D 66 34.34 29.25 -2.54
CA TRP D 66 34.63 30.50 -3.24
C TRP D 66 35.67 31.28 -2.45
N LYS E 9 29.35 33.59 -11.54
CA LYS E 9 29.46 33.83 -13.00
C LYS E 9 28.93 32.62 -13.76
N LYS E 10 29.83 31.74 -14.20
CA LYS E 10 29.42 30.53 -14.92
C LYS E 10 28.77 29.58 -13.92
N GLU E 11 28.80 29.96 -12.65
CA GLU E 11 28.22 29.15 -11.57
C GLU E 11 26.71 29.34 -11.52
N GLU E 12 26.24 30.55 -11.74
CA GLU E 12 24.82 30.79 -11.72
C GLU E 12 24.16 30.03 -12.86
N GLU E 13 24.91 29.81 -13.93
CA GLU E 13 24.40 29.07 -15.08
C GLU E 13 24.06 27.65 -14.64
N ARG E 14 24.77 27.17 -13.61
CA ARG E 14 24.55 25.82 -13.07
C ARG E 14 23.33 25.75 -12.18
N GLN E 15 23.25 26.66 -11.21
CA GLN E 15 22.12 26.70 -10.30
C GLN E 15 20.84 26.68 -11.14
N GLU E 16 20.95 27.19 -12.38
CA GLU E 16 19.83 27.20 -13.30
C GLU E 16 19.63 25.75 -13.72
N ALA E 17 20.71 25.12 -14.15
CA ALA E 17 20.65 23.72 -14.55
C ALA E 17 19.95 22.91 -13.47
N LEU E 18 20.41 23.08 -12.24
CA LEU E 18 19.85 22.38 -11.09
C LEU E 18 18.37 22.68 -10.86
N ARG E 19 18.04 23.98 -10.77
CA ARG E 19 16.66 24.39 -10.53
C ARG E 19 15.71 23.87 -11.60
N GLN E 20 16.17 23.87 -12.85
CA GLN E 20 15.32 23.40 -13.92
C GLN E 20 15.22 21.90 -13.92
N ALA E 21 16.27 21.24 -13.43
CA ALA E 21 16.30 19.78 -13.39
C ALA E 21 15.33 19.28 -12.32
N GLU E 22 15.17 20.07 -11.25
CA GLU E 22 14.29 19.74 -10.15
C GLU E 22 12.84 20.02 -10.57
N GLU E 23 12.63 21.06 -11.37
CA GLU E 23 11.29 21.38 -11.84
C GLU E 23 10.82 20.20 -12.70
N GLU E 24 11.78 19.50 -13.31
CA GLU E 24 11.48 18.35 -14.16
C GLU E 24 11.36 17.07 -13.36
N ARG E 25 12.17 16.94 -12.30
CA ARG E 25 12.13 15.77 -11.45
C ARG E 25 10.76 15.83 -10.80
N LYS E 26 10.38 17.07 -10.46
N LYS E 26 10.35 17.04 -10.42
CA LYS E 26 9.10 17.37 -9.83
CA LYS E 26 9.04 17.20 -9.79
C LYS E 26 7.92 17.15 -10.80
C LYS E 26 7.91 17.05 -10.82
N ALA E 27 8.18 17.34 -12.09
CA ALA E 27 7.18 17.18 -13.12
C ALA E 27 6.89 15.69 -13.32
N LYS E 28 7.94 14.89 -13.37
CA LYS E 28 7.82 13.44 -13.57
C LYS E 28 7.08 12.76 -12.40
N TYR E 29 7.15 13.36 -11.21
CA TYR E 29 6.48 12.76 -10.08
C TYR E 29 5.05 13.26 -9.95
N ALA E 30 4.76 14.40 -10.58
CA ALA E 30 3.41 14.94 -10.53
C ALA E 30 2.55 14.15 -11.52
N LYS E 31 3.13 13.76 -12.64
CA LYS E 31 2.41 12.97 -13.65
C LYS E 31 2.12 11.57 -13.08
N MET E 32 3.06 11.04 -12.30
CA MET E 32 2.89 9.73 -11.69
C MET E 32 1.73 9.78 -10.70
N GLU E 33 1.71 10.84 -9.90
CA GLU E 33 0.66 10.98 -8.89
C GLU E 33 -0.74 11.03 -9.52
N ALA E 34 -0.92 11.84 -10.57
CA ALA E 34 -2.21 11.96 -11.25
C ALA E 34 -2.65 10.59 -11.75
N GLU E 35 -1.71 9.86 -12.34
CA GLU E 35 -2.05 8.55 -12.84
C GLU E 35 -2.47 7.63 -11.69
N ARG E 36 -1.88 7.80 -10.50
CA ARG E 36 -2.27 6.93 -9.39
C ARG E 36 -3.67 7.29 -8.92
N GLU E 37 -3.94 8.59 -8.81
CA GLU E 37 -5.23 9.09 -8.35
C GLU E 37 -6.39 8.62 -9.24
N VAL E 38 -6.13 8.46 -10.54
CA VAL E 38 -7.17 8.00 -11.44
C VAL E 38 -7.58 6.60 -11.04
N MET E 39 -6.60 5.74 -10.79
CA MET E 39 -6.87 4.37 -10.39
C MET E 39 -7.53 4.36 -9.00
N ARG E 40 -7.14 5.30 -8.14
CA ARG E 40 -7.72 5.39 -6.80
C ARG E 40 -9.20 5.74 -6.89
N GLN E 41 -9.51 6.66 -7.79
CA GLN E 41 -10.88 7.08 -7.96
C GLN E 41 -11.68 5.95 -8.56
N GLY E 42 -11.07 5.25 -9.52
CA GLY E 42 -11.75 4.13 -10.14
C GLY E 42 -12.20 3.15 -9.08
N ILE E 43 -11.30 2.84 -8.16
CA ILE E 43 -11.57 1.93 -7.07
C ILE E 43 -12.62 2.57 -6.15
N ARG E 44 -12.55 3.88 -5.99
CA ARG E 44 -13.50 4.59 -5.12
C ARG E 44 -14.93 4.41 -5.61
N ASP E 45 -15.18 4.74 -6.87
CA ASP E 45 -16.51 4.60 -7.44
C ASP E 45 -16.95 3.17 -7.25
N LYS E 46 -16.12 2.26 -7.76
CA LYS E 46 -16.43 0.85 -7.66
C LYS E 46 -17.01 0.42 -6.32
N TYR E 47 -16.60 1.07 -5.23
CA TYR E 47 -17.11 0.66 -3.92
C TYR E 47 -17.86 1.70 -3.12
N GLY E 48 -18.10 2.87 -3.69
CA GLY E 48 -18.79 3.90 -2.95
C GLY E 48 -17.93 4.42 -1.82
N ILE E 49 -17.12 5.44 -2.14
CA ILE E 49 -16.23 6.07 -1.18
C ILE E 49 -16.02 7.48 -1.71
#